data_4XJ1
#
_entry.id   4XJ1
#
_cell.length_a   118.998
_cell.length_b   50.742
_cell.length_c   73.072
_cell.angle_alpha   90.00
_cell.angle_beta   93.07
_cell.angle_gamma   90.00
#
_symmetry.space_group_name_H-M   'C 1 2 1'
#
loop_
_entity.id
_entity.type
_entity.pdbx_description
1 polymer 'Cyclic AMP-GMP synthase'
2 non-polymer 1,2-ETHANEDIOL
3 water water
#
_entity_poly.entity_id   1
_entity_poly.type   'polypeptide(L)'
_entity_poly.pdbx_seq_one_letter_code
;(MSE)R(MSE)TWNFHQYYTNRNDGL(MSE)GKLVLTDEEKNNLKALRKIIRLRTRDVFEEAKGIAKAVKKSALTFEIIQ
EKVSTTQIKHLSDSEQREVAKLIYE(MSE)DDDARDEFLGLTPRFWTQGSFQYDTLNRPFQPGQE(MSE)DIDDGTY
(MSE)P(MSE)PIFESEPKIGHSLLILLVDASLKSLVAENHGWKFEAKQTCGRIKIEAEKTHIDVP(MSE)YAIPKDEFQ
KKQIALEANRGSGSENVNLALREGDRKWINSDPKIVEDWFNDSCIRIGKHLRKVCRF(MSE)KAWRDAQWDVGGPSSISL
(MSE)AATVNILDSVAHDASDLGET(MSE)KIIAKHLPSEFARGVESPDSTDEKPLFPPSYKHGPRE(MSE)DI(MSE)S
KLERLPEILSSAESADSKSEALKKIN(MSE)AFGNRVTNSELIVLAKA
;
_entity_poly.pdbx_strand_id   A
#
loop_
_chem_comp.id
_chem_comp.type
_chem_comp.name
_chem_comp.formula
EDO non-polymer 1,2-ETHANEDIOL 'C2 H6 O2'
#
# COMPACT_ATOMS: atom_id res chain seq x y z
N ARG A 2 -19.91 22.95 -29.86
CA ARG A 2 -21.27 22.42 -29.83
C ARG A 2 -21.66 22.00 -28.42
N MSE A 3 -22.84 21.41 -28.30
CA MSE A 3 -23.34 20.97 -27.00
C MSE A 3 -22.62 19.71 -26.53
O MSE A 3 -22.31 18.80 -27.31
CB MSE A 3 -24.85 20.72 -27.04
CG MSE A 3 -25.63 21.77 -27.79
SE MSE A 3 -25.16 23.50 -26.99
CE MSE A 3 -25.85 23.19 -25.25
N THR A 4 -22.37 19.66 -25.24
CA THR A 4 -21.69 18.52 -24.67
C THR A 4 -22.23 18.34 -23.25
N TRP A 5 -22.04 17.17 -22.66
CA TRP A 5 -22.35 17.02 -21.23
C TRP A 5 -21.09 17.30 -20.45
N ASN A 6 -21.23 18.07 -19.38
CA ASN A 6 -20.13 18.37 -18.46
C ASN A 6 -20.24 17.49 -17.21
N PHE A 7 -19.09 16.93 -16.83
CA PHE A 7 -19.02 15.99 -15.69
C PHE A 7 -18.20 16.52 -14.52
N HIS A 8 -17.95 17.83 -14.46
CA HIS A 8 -17.06 18.33 -13.40
C HIS A 8 -17.65 18.02 -12.02
N GLN A 9 -18.96 18.20 -11.86
CA GLN A 9 -19.58 17.91 -10.56
C GLN A 9 -19.72 16.40 -10.38
N TYR A 10 -20.01 15.68 -11.46
CA TYR A 10 -20.06 14.22 -11.39
C TYR A 10 -18.80 13.68 -10.69
N TYR A 11 -17.63 14.20 -11.09
CA TYR A 11 -16.36 13.79 -10.47
C TYR A 11 -16.11 14.38 -9.09
N THR A 12 -16.25 15.70 -8.97
CA THR A 12 -15.71 16.40 -7.80
C THR A 12 -16.65 16.55 -6.60
N ASN A 13 -17.96 16.37 -6.80
CA ASN A 13 -18.93 16.68 -5.76
C ASN A 13 -18.75 15.78 -4.54
N ARG A 14 -18.55 16.39 -3.37
CA ARG A 14 -18.23 15.63 -2.18
C ARG A 14 -19.47 15.18 -1.41
N ASN A 15 -20.64 15.63 -1.87
CA ASN A 15 -21.89 15.12 -1.33
C ASN A 15 -22.13 13.74 -1.93
N ASP A 16 -22.37 13.69 -3.23
CA ASP A 16 -22.73 12.45 -3.90
C ASP A 16 -22.15 12.29 -5.31
N GLY A 17 -21.10 13.04 -5.63
CA GLY A 17 -20.33 12.79 -6.83
C GLY A 17 -19.28 11.74 -6.51
N LEU A 18 -18.36 11.53 -7.45
CA LEU A 18 -17.43 10.42 -7.28
C LEU A 18 -16.50 10.62 -6.09
N MSE A 19 -16.04 11.86 -5.86
CA MSE A 19 -15.26 12.12 -4.66
C MSE A 19 -16.06 11.77 -3.40
O MSE A 19 -15.51 11.21 -2.46
CB MSE A 19 -14.78 13.57 -4.63
CG MSE A 19 -13.65 13.85 -5.64
SE MSE A 19 -11.96 12.89 -5.22
CE MSE A 19 -11.56 13.71 -3.48
N GLY A 20 -17.35 12.10 -3.39
CA GLY A 20 -18.20 11.80 -2.25
C GLY A 20 -18.33 10.30 -2.01
N LYS A 21 -18.29 9.53 -3.09
CA LYS A 21 -18.38 8.06 -2.99
C LYS A 21 -17.07 7.37 -2.63
N LEU A 22 -15.94 8.01 -2.97
CA LEU A 22 -14.63 7.42 -2.79
C LEU A 22 -13.91 7.73 -1.49
N VAL A 23 -14.07 8.94 -0.99
CA VAL A 23 -13.35 9.33 0.21
C VAL A 23 -13.92 8.63 1.45
N LEU A 24 -13.04 8.08 2.28
CA LEU A 24 -13.48 7.47 3.54
C LEU A 24 -14.12 8.47 4.49
N THR A 25 -15.13 8.03 5.22
CA THR A 25 -15.71 8.86 6.26
C THR A 25 -14.69 8.99 7.38
N ASP A 26 -14.86 10.02 8.21
CA ASP A 26 -13.90 10.24 9.28
C ASP A 26 -13.90 9.06 10.25
N GLU A 27 -15.06 8.42 10.44
CA GLU A 27 -15.14 7.24 11.29
C GLU A 27 -14.35 6.06 10.72
N GLU A 28 -14.40 5.92 9.40
CA GLU A 28 -13.66 4.87 8.72
C GLU A 28 -12.16 5.13 8.82
N LYS A 29 -11.76 6.38 8.63
CA LYS A 29 -10.34 6.72 8.72
C LYS A 29 -9.86 6.47 10.14
N ASN A 30 -10.67 6.88 11.10
CA ASN A 30 -10.30 6.68 12.50
C ASN A 30 -10.19 5.20 12.85
N ASN A 31 -11.10 4.38 12.31
CA ASN A 31 -10.99 2.95 12.50
C ASN A 31 -9.67 2.39 11.98
N LEU A 32 -9.25 2.79 10.78
CA LEU A 32 -7.96 2.33 10.25
C LEU A 32 -6.82 2.80 11.14
N LYS A 33 -6.88 4.04 11.59
CA LYS A 33 -5.84 4.55 12.49
C LYS A 33 -5.79 3.74 13.79
N ALA A 34 -6.96 3.32 14.28
CA ALA A 34 -7.02 2.51 15.52
C ALA A 34 -6.44 1.13 15.30
N LEU A 35 -6.72 0.56 14.15
CA LEU A 35 -6.15 -0.75 13.78
C LEU A 35 -4.64 -0.70 13.75
N ARG A 36 -4.11 0.37 13.15
CA ARG A 36 -2.68 0.56 13.06
C ARG A 36 -2.05 0.70 14.45
N LYS A 37 -2.75 1.43 15.33
CA LYS A 37 -2.26 1.62 16.68
C LYS A 37 -2.20 0.30 17.43
N ILE A 38 -3.21 -0.55 17.21
CA ILE A 38 -3.25 -1.87 17.87
C ILE A 38 -2.06 -2.72 17.46
N ILE A 39 -1.72 -2.65 16.18
CA ILE A 39 -0.60 -3.43 15.66
C ILE A 39 0.73 -2.88 16.14
N ARG A 40 0.86 -1.55 16.13
CA ARG A 40 2.09 -0.91 16.59
C ARG A 40 2.36 -1.22 18.07
N LEU A 41 1.33 -1.13 18.89
CA LEU A 41 1.49 -1.38 20.32
C LEU A 41 1.93 -2.82 20.60
N ARG A 42 1.30 -3.76 19.91
CA ARG A 42 1.61 -5.16 20.12
C ARG A 42 3.03 -5.48 19.67
N THR A 43 3.50 -4.80 18.62
CA THR A 43 4.86 -5.04 18.12
C THR A 43 5.89 -4.49 19.10
N ARG A 44 5.65 -3.29 19.61
CA ARG A 44 6.51 -2.74 20.64
C ARG A 44 6.57 -3.69 21.84
N ASP A 45 5.41 -4.19 22.25
CA ASP A 45 5.33 -5.07 23.42
C ASP A 45 6.03 -6.41 23.21
N VAL A 46 5.92 -6.97 22.01
CA VAL A 46 6.61 -8.24 21.74
C VAL A 46 8.12 -8.06 21.86
N PHE A 47 8.62 -6.97 21.30
CA PHE A 47 10.05 -6.69 21.36
C PHE A 47 10.53 -6.44 22.79
N GLU A 48 9.74 -5.71 23.58
CA GLU A 48 10.06 -5.57 25.00
C GLU A 48 10.11 -6.91 25.72
N GLU A 49 9.18 -7.80 25.40
CA GLU A 49 9.20 -9.12 26.03
C GLU A 49 10.46 -9.89 25.67
N ALA A 50 10.80 -9.94 24.39
CA ALA A 50 11.98 -10.68 23.93
C ALA A 50 13.24 -10.05 24.53
N LYS A 51 13.27 -8.71 24.56
CA LYS A 51 14.40 -8.01 25.17
C LYS A 51 14.56 -8.29 26.67
N GLY A 52 13.45 -8.50 27.37
CA GLY A 52 13.51 -8.77 28.79
C GLY A 52 14.26 -10.07 29.03
N ILE A 53 14.09 -11.00 28.10
CA ILE A 53 14.75 -12.29 28.20
C ILE A 53 16.26 -12.15 27.97
N ALA A 54 16.64 -11.37 26.98
CA ALA A 54 18.04 -11.16 26.67
C ALA A 54 18.73 -10.45 27.84
N LYS A 55 17.98 -9.55 28.48
CA LYS A 55 18.49 -8.85 29.67
C LYS A 55 18.82 -9.86 30.76
N ALA A 56 17.96 -10.88 30.89
CA ALA A 56 18.14 -11.90 31.91
C ALA A 56 19.39 -12.71 31.59
N VAL A 57 19.60 -12.96 30.30
CA VAL A 57 20.73 -13.74 29.84
C VAL A 57 22.04 -12.94 29.93
N LYS A 58 21.95 -11.62 29.77
CA LYS A 58 23.11 -10.77 30.00
C LYS A 58 23.55 -10.89 31.48
N LYS A 59 22.58 -10.94 32.39
CA LYS A 59 22.85 -11.02 33.83
C LYS A 59 23.41 -12.38 34.25
N SER A 60 22.93 -13.45 33.63
CA SER A 60 23.40 -14.80 33.96
C SER A 60 23.17 -15.73 32.75
N ALA A 61 24.14 -16.58 32.45
CA ALA A 61 24.05 -17.38 31.23
C ALA A 61 23.06 -18.53 31.43
N LEU A 62 21.77 -18.22 31.30
CA LEU A 62 20.71 -19.20 31.54
C LEU A 62 20.74 -20.42 30.59
N THR A 63 20.19 -21.54 31.04
CA THR A 63 20.08 -22.71 30.16
C THR A 63 19.09 -22.48 29.04
N PHE A 64 19.22 -23.27 27.99
CA PHE A 64 18.30 -23.21 26.88
C PHE A 64 16.88 -23.52 27.35
N GLU A 65 16.76 -24.53 28.20
CA GLU A 65 15.45 -24.90 28.74
C GLU A 65 14.76 -23.73 29.47
N ILE A 66 15.52 -22.95 30.24
CA ILE A 66 14.96 -21.83 30.99
C ILE A 66 14.59 -20.69 30.02
N ILE A 67 15.43 -20.48 29.00
CA ILE A 67 15.15 -19.43 28.02
C ILE A 67 13.86 -19.76 27.29
N GLN A 68 13.72 -21.03 26.92
CA GLN A 68 12.51 -21.55 26.29
C GLN A 68 11.27 -21.30 27.15
N GLU A 69 11.34 -21.67 28.43
CA GLU A 69 10.19 -21.50 29.30
C GLU A 69 9.83 -19.99 29.41
N LYS A 70 10.84 -19.11 29.39
CA LYS A 70 10.54 -17.68 29.41
C LYS A 70 9.86 -17.24 28.12
N VAL A 71 10.33 -17.75 26.98
CA VAL A 71 9.73 -17.44 25.68
C VAL A 71 8.25 -17.83 25.69
N SER A 72 7.93 -18.94 26.34
CA SER A 72 6.58 -19.49 26.32
C SER A 72 5.55 -18.69 27.13
N THR A 73 6.01 -17.75 27.95
CA THR A 73 5.09 -16.90 28.71
C THR A 73 4.84 -15.58 27.99
N THR A 74 5.54 -15.39 26.88
CA THR A 74 5.39 -14.15 26.10
C THR A 74 4.38 -14.35 24.97
N GLN A 75 4.11 -13.29 24.21
CA GLN A 75 3.23 -13.41 23.04
C GLN A 75 3.76 -14.37 21.98
N ILE A 76 5.06 -14.70 22.08
CA ILE A 76 5.72 -15.58 21.12
C ILE A 76 5.13 -16.99 21.21
N LYS A 77 4.39 -17.25 22.29
CA LYS A 77 3.65 -18.50 22.43
C LYS A 77 2.68 -18.74 21.27
N HIS A 78 2.35 -17.70 20.51
CA HIS A 78 1.41 -17.86 19.41
C HIS A 78 2.07 -18.35 18.11
N LEU A 79 3.40 -18.44 18.12
CA LEU A 79 4.11 -19.08 17.01
C LEU A 79 4.03 -20.60 17.15
N SER A 80 4.37 -21.31 16.08
CA SER A 80 4.40 -22.77 16.12
C SER A 80 5.50 -23.23 17.08
N ASP A 81 5.44 -24.49 17.49
CA ASP A 81 6.45 -25.06 18.39
C ASP A 81 7.85 -24.85 17.83
N SER A 82 8.01 -25.15 16.55
CA SER A 82 9.30 -25.03 15.87
C SER A 82 9.81 -23.61 15.93
N GLU A 83 8.94 -22.66 15.64
CA GLU A 83 9.30 -21.25 15.60
C GLU A 83 9.68 -20.74 16.99
N GLN A 84 8.94 -21.17 18.01
CA GLN A 84 9.25 -20.78 19.39
C GLN A 84 10.65 -21.25 19.77
N ARG A 85 10.94 -22.50 19.40
CA ARG A 85 12.24 -23.10 19.65
C ARG A 85 13.34 -22.25 19.01
N GLU A 86 13.08 -21.81 17.78
CA GLU A 86 14.04 -21.03 17.03
C GLU A 86 14.33 -19.68 17.68
N VAL A 87 13.29 -18.98 18.16
CA VAL A 87 13.52 -17.74 18.87
C VAL A 87 14.43 -17.99 20.07
N ALA A 88 14.05 -18.98 20.88
CA ALA A 88 14.83 -19.36 22.06
C ALA A 88 16.28 -19.67 21.67
N LYS A 89 16.44 -20.39 20.58
CA LYS A 89 17.77 -20.75 20.12
C LYS A 89 18.57 -19.52 19.70
N LEU A 90 17.92 -18.59 19.01
CA LEU A 90 18.60 -17.40 18.52
C LEU A 90 19.02 -16.53 19.70
N ILE A 91 18.17 -16.43 20.72
CA ILE A 91 18.52 -15.69 21.93
C ILE A 91 19.67 -16.39 22.67
N TYR A 92 19.59 -17.72 22.80
CA TYR A 92 20.62 -18.53 23.44
C TYR A 92 21.99 -18.36 22.76
N GLU A 93 22.00 -18.33 21.44
CA GLU A 93 23.22 -18.25 20.63
C GLU A 93 23.84 -16.86 20.49
N MSE A 94 23.15 -15.82 20.94
CA MSE A 94 23.68 -14.45 20.86
C MSE A 94 24.98 -14.24 21.62
O MSE A 94 25.12 -14.67 22.77
CB MSE A 94 22.66 -13.47 21.41
CG MSE A 94 21.81 -12.88 20.37
SE MSE A 94 20.53 -11.67 21.18
CE MSE A 94 19.25 -11.80 19.76
N ASP A 95 25.94 -13.57 20.99
CA ASP A 95 27.14 -13.19 21.71
C ASP A 95 26.89 -11.88 22.44
N ASP A 96 27.90 -11.38 23.15
CA ASP A 96 27.72 -10.17 23.95
C ASP A 96 27.36 -8.96 23.10
N ASP A 97 28.03 -8.82 21.95
CA ASP A 97 27.82 -7.64 21.11
C ASP A 97 26.46 -7.67 20.42
N ALA A 98 26.04 -8.83 19.95
CA ALA A 98 24.71 -8.97 19.34
C ALA A 98 23.62 -8.73 20.36
N ARG A 99 23.85 -9.20 21.59
CA ARG A 99 22.86 -9.07 22.65
C ARG A 99 22.73 -7.63 23.11
N ASP A 100 23.85 -6.92 23.18
CA ASP A 100 23.84 -5.50 23.53
C ASP A 100 23.01 -4.71 22.52
N GLU A 101 23.27 -4.91 21.23
CA GLU A 101 22.54 -4.15 20.21
C GLU A 101 21.05 -4.49 20.24
N PHE A 102 20.73 -5.75 20.49
CA PHE A 102 19.33 -6.15 20.61
C PHE A 102 18.69 -5.43 21.79
N LEU A 103 19.41 -5.34 22.91
CA LEU A 103 18.89 -4.65 24.09
C LEU A 103 18.68 -3.16 23.83
N GLY A 104 19.36 -2.62 22.82
CA GLY A 104 19.20 -1.22 22.46
C GLY A 104 18.26 -0.98 21.30
N LEU A 105 17.65 -2.05 20.81
CA LEU A 105 16.74 -1.97 19.66
C LEU A 105 15.29 -1.66 20.06
N THR A 106 14.74 -0.59 19.51
CA THR A 106 13.34 -0.28 19.70
C THR A 106 12.68 0.00 18.35
N PRO A 107 11.71 -0.84 17.95
CA PRO A 107 11.03 -0.65 16.65
C PRO A 107 10.41 0.73 16.50
N ARG A 108 10.53 1.30 15.30
CA ARG A 108 9.91 2.58 14.96
C ARG A 108 8.88 2.35 13.85
N PHE A 109 8.03 3.33 13.59
CA PHE A 109 6.97 3.12 12.61
C PHE A 109 6.80 4.30 11.67
N TRP A 110 6.33 3.97 10.46
CA TRP A 110 5.99 4.96 9.43
C TRP A 110 5.06 4.33 8.40
N THR A 111 3.92 4.99 8.15
CA THR A 111 2.92 4.49 7.21
C THR A 111 3.26 4.82 5.75
N GLN A 112 3.09 3.83 4.87
CA GLN A 112 3.35 4.00 3.44
C GLN A 112 2.09 3.69 2.64
N GLY A 113 2.19 3.74 1.30
CA GLY A 113 1.04 3.44 0.46
C GLY A 113 0.00 4.54 0.42
N SER A 114 -1.22 4.18 0.03
CA SER A 114 -2.27 5.16 -0.27
C SER A 114 -2.85 5.85 0.96
N PHE A 115 -2.80 5.19 2.12
CA PHE A 115 -3.26 5.88 3.33
C PHE A 115 -2.38 7.09 3.52
N GLN A 116 -1.11 6.94 3.15
CA GLN A 116 -0.11 8.00 3.27
C GLN A 116 -0.15 8.95 2.07
N TYR A 117 -0.51 8.44 0.88
CA TYR A 117 -0.66 9.34 -0.27
C TYR A 117 -1.97 10.10 -0.18
N ASP A 118 -2.84 9.70 0.73
CA ASP A 118 -4.20 10.26 0.85
C ASP A 118 -4.98 10.06 -0.45
N THR A 119 -4.94 8.83 -0.95
CA THR A 119 -5.75 8.48 -2.13
C THR A 119 -6.45 7.15 -1.90
N LEU A 120 -6.70 6.81 -0.65
CA LEU A 120 -7.33 5.54 -0.31
C LEU A 120 -8.83 5.60 -0.59
N ASN A 121 -9.31 4.78 -1.54
CA ASN A 121 -10.73 4.77 -1.89
C ASN A 121 -11.53 3.74 -1.10
N ARG A 122 -12.77 4.06 -0.79
CA ARG A 122 -13.71 3.04 -0.37
C ARG A 122 -13.78 1.96 -1.44
N PRO A 123 -13.75 0.69 -1.01
CA PRO A 123 -13.76 -0.46 -1.92
C PRO A 123 -15.09 -0.57 -2.64
N PHE A 124 -15.05 -1.11 -3.85
CA PHE A 124 -16.23 -1.17 -4.72
C PHE A 124 -16.87 -2.56 -4.74
N GLN A 125 -16.20 -3.51 -5.38
CA GLN A 125 -16.79 -4.85 -5.56
C GLN A 125 -16.65 -5.70 -4.33
N PRO A 126 -17.65 -6.58 -4.08
CA PRO A 126 -17.61 -7.55 -2.99
C PRO A 126 -16.29 -8.31 -3.05
N GLY A 127 -15.58 -8.34 -1.93
CA GLY A 127 -14.30 -9.01 -1.91
C GLY A 127 -13.13 -8.07 -1.95
N GLN A 128 -13.32 -6.89 -2.54
CA GLN A 128 -12.26 -5.89 -2.62
C GLN A 128 -12.08 -5.26 -1.25
N GLU A 129 -10.83 -5.05 -0.90
CA GLU A 129 -10.46 -4.55 0.42
C GLU A 129 -9.53 -3.36 0.29
N MSE A 130 -9.55 -2.51 1.30
CA MSE A 130 -8.57 -1.45 1.41
C MSE A 130 -7.18 -1.99 1.70
O MSE A 130 -6.97 -2.75 2.67
CB MSE A 130 -8.97 -0.48 2.51
CG MSE A 130 -10.46 -0.49 2.83
SE MSE A 130 -10.98 1.32 3.35
CE MSE A 130 -12.55 1.07 4.45
N ASP A 131 -6.23 -1.61 0.85
CA ASP A 131 -4.84 -2.04 0.91
C ASP A 131 -4.02 -1.07 1.78
N ILE A 132 -3.83 -1.41 3.05
CA ILE A 132 -3.17 -0.51 4.01
C ILE A 132 -1.79 -1.02 4.43
N ASP A 133 -0.82 -0.10 4.53
CA ASP A 133 0.56 -0.50 4.79
C ASP A 133 1.20 0.28 5.95
N ASP A 134 1.67 -0.43 6.97
CA ASP A 134 2.41 0.26 8.04
C ASP A 134 3.72 -0.47 8.33
N GLY A 135 4.81 0.13 7.90
CA GLY A 135 6.12 -0.50 8.03
C GLY A 135 6.65 -0.47 9.46
N THR A 136 7.39 -1.51 9.82
CA THR A 136 8.14 -1.53 11.08
C THR A 136 9.62 -1.38 10.76
N TYR A 137 10.25 -0.43 11.44
CA TYR A 137 11.63 -0.06 11.16
C TYR A 137 12.55 -0.38 12.32
N MSE A 138 13.66 -1.04 12.01
CA MSE A 138 14.63 -1.48 13.00
C MSE A 138 15.95 -0.73 12.88
O MSE A 138 16.76 -1.05 12.02
CB MSE A 138 14.90 -2.98 12.87
CG MSE A 138 13.67 -3.82 12.69
SE MSE A 138 12.57 -3.93 14.31
CE MSE A 138 11.10 -5.00 13.60
N PRO A 139 16.16 0.28 13.73
CA PRO A 139 17.41 1.04 13.66
C PRO A 139 18.58 0.19 14.13
N MSE A 140 19.55 -0.05 13.25
CA MSE A 140 20.68 -0.92 13.55
C MSE A 140 21.92 -0.39 12.82
O MSE A 140 21.80 0.43 11.90
CB MSE A 140 20.38 -2.37 13.12
CG MSE A 140 19.20 -3.00 13.85
SE MSE A 140 18.73 -4.81 13.28
CE MSE A 140 18.53 -4.51 11.38
N PRO A 141 23.12 -0.83 13.23
CA PRO A 141 24.29 -0.43 12.45
C PRO A 141 24.19 -0.89 11.01
N ILE A 142 24.91 -0.22 10.11
CA ILE A 142 24.93 -0.61 8.72
C ILE A 142 25.49 -2.03 8.59
N PHE A 143 24.98 -2.79 7.64
CA PHE A 143 25.45 -4.15 7.43
C PHE A 143 25.59 -4.47 5.95
N GLU A 144 26.36 -5.52 5.67
CA GLU A 144 26.71 -5.87 4.29
C GLU A 144 25.72 -6.86 3.68
N SER A 145 25.37 -7.89 4.44
CA SER A 145 24.47 -8.94 3.94
C SER A 145 23.44 -9.34 4.99
N GLU A 146 23.81 -9.20 6.26
CA GLU A 146 22.88 -9.45 7.37
C GLU A 146 23.43 -8.81 8.64
N PRO A 147 22.54 -8.16 9.41
CA PRO A 147 22.95 -7.39 10.58
C PRO A 147 23.19 -8.25 11.81
N LYS A 148 23.68 -7.61 12.88
CA LYS A 148 23.58 -8.18 14.21
C LYS A 148 22.08 -8.23 14.56
N ILE A 149 21.73 -9.01 15.58
CA ILE A 149 20.34 -9.35 15.95
C ILE A 149 19.81 -10.46 15.02
N GLY A 150 19.71 -10.18 13.71
CA GLY A 150 19.41 -11.22 12.74
C GLY A 150 18.12 -11.11 11.97
N HIS A 151 18.18 -11.44 10.69
CA HIS A 151 17.01 -11.38 9.79
C HIS A 151 15.93 -12.34 10.28
N SER A 152 16.34 -13.54 10.67
CA SER A 152 15.42 -14.54 11.20
C SER A 152 14.70 -14.09 12.48
N LEU A 153 15.44 -13.62 13.46
CA LEU A 153 14.82 -13.24 14.74
C LEU A 153 13.82 -12.10 14.54
N LEU A 154 14.17 -11.13 13.70
CA LEU A 154 13.31 -9.98 13.51
C LEU A 154 11.97 -10.39 12.89
N ILE A 155 12.01 -11.20 11.83
CA ILE A 155 10.78 -11.68 11.20
C ILE A 155 9.94 -12.50 12.19
N LEU A 156 10.59 -13.37 12.96
CA LEU A 156 9.87 -14.17 13.93
C LEU A 156 9.13 -13.30 14.95
N LEU A 157 9.75 -12.21 15.40
CA LEU A 157 9.09 -11.35 16.39
C LEU A 157 7.92 -10.54 15.79
N VAL A 158 8.08 -10.07 14.56
CA VAL A 158 6.97 -9.35 13.89
C VAL A 158 5.82 -10.33 13.61
N ASP A 159 6.15 -11.52 13.09
CA ASP A 159 5.14 -12.57 12.97
C ASP A 159 4.45 -12.85 14.31
N ALA A 160 5.24 -12.91 15.39
CA ALA A 160 4.68 -13.12 16.72
C ALA A 160 3.68 -12.02 17.11
N SER A 161 4.04 -10.77 16.84
CA SER A 161 3.13 -9.66 17.10
C SER A 161 1.82 -9.85 16.31
N LEU A 162 1.93 -10.04 15.01
CA LEU A 162 0.74 -10.14 14.16
C LEU A 162 -0.10 -11.37 14.49
N LYS A 163 0.55 -12.53 14.67
CA LYS A 163 -0.17 -13.76 14.97
C LYS A 163 -0.83 -13.72 16.34
N SER A 164 -0.24 -13.00 17.29
CA SER A 164 -0.83 -12.90 18.62
C SER A 164 -2.08 -12.02 18.60
N LEU A 165 -2.13 -11.07 17.66
CA LEU A 165 -3.32 -10.26 17.50
C LEU A 165 -4.43 -11.05 16.84
N VAL A 166 -4.06 -11.83 15.84
CA VAL A 166 -5.00 -12.66 15.10
C VAL A 166 -5.66 -13.70 16.01
N ALA A 167 -4.91 -14.21 16.97
CA ALA A 167 -5.43 -15.18 17.93
C ALA A 167 -6.43 -14.54 18.90
N GLU A 168 -6.28 -13.25 19.15
CA GLU A 168 -7.10 -12.54 20.13
C GLU A 168 -8.34 -11.91 19.52
N ASN A 169 -8.39 -11.84 18.19
CA ASN A 169 -9.51 -11.18 17.54
C ASN A 169 -10.21 -12.09 16.53
N HIS A 170 -11.48 -12.35 16.79
CA HIS A 170 -12.29 -13.11 15.85
C HIS A 170 -12.47 -12.30 14.58
N GLY A 171 -12.36 -12.96 13.43
CA GLY A 171 -12.48 -12.27 12.16
C GLY A 171 -11.16 -11.72 11.65
N TRP A 172 -10.07 -12.05 12.32
CA TRP A 172 -8.75 -11.68 11.83
C TRP A 172 -8.01 -12.91 11.35
N LYS A 173 -7.34 -12.80 10.22
CA LYS A 173 -6.53 -13.88 9.67
C LYS A 173 -5.13 -13.39 9.36
N PHE A 174 -4.16 -14.29 9.41
CA PHE A 174 -2.78 -13.93 9.07
C PHE A 174 -2.35 -14.55 7.74
N GLU A 175 -1.62 -13.76 6.95
CA GLU A 175 -1.01 -14.26 5.72
C GLU A 175 0.45 -13.85 5.64
N ALA A 176 1.32 -14.80 5.34
CA ALA A 176 2.70 -14.48 5.03
C ALA A 176 2.82 -14.08 3.57
N LYS A 177 3.40 -12.91 3.33
CA LYS A 177 3.71 -12.44 1.97
C LYS A 177 5.22 -12.32 1.81
N GLN A 178 5.70 -12.19 0.58
CA GLN A 178 7.14 -12.10 0.35
C GLN A 178 7.76 -10.85 0.99
N THR A 179 7.01 -9.75 1.00
CA THR A 179 7.56 -8.50 1.49
C THR A 179 6.96 -8.04 2.82
N CYS A 180 6.09 -8.85 3.41
CA CYS A 180 5.36 -8.39 4.61
C CYS A 180 4.55 -9.49 5.27
N GLY A 181 4.21 -9.25 6.54
CA GLY A 181 3.16 -10.00 7.21
C GLY A 181 1.85 -9.24 6.98
N ARG A 182 0.76 -9.97 6.79
CA ARG A 182 -0.52 -9.34 6.54
C ARG A 182 -1.59 -9.78 7.54
N ILE A 183 -2.34 -8.81 8.07
CA ILE A 183 -3.54 -9.12 8.82
C ILE A 183 -4.77 -8.78 7.96
N LYS A 184 -5.61 -9.78 7.71
CA LYS A 184 -6.83 -9.60 6.96
C LYS A 184 -8.05 -9.61 7.88
N ILE A 185 -8.91 -8.62 7.71
CA ILE A 185 -10.15 -8.55 8.46
C ILE A 185 -11.29 -8.43 7.46
N GLU A 186 -11.75 -9.57 6.96
CA GLU A 186 -12.77 -9.62 5.91
C GLU A 186 -13.99 -8.77 6.23
N ALA A 187 -14.47 -8.92 7.47
CA ALA A 187 -15.69 -8.27 7.90
C ALA A 187 -15.61 -6.74 7.85
N GLU A 188 -14.40 -6.20 7.90
CA GLU A 188 -14.20 -4.75 7.83
C GLU A 188 -13.64 -4.31 6.47
N LYS A 189 -13.67 -5.25 5.51
CA LYS A 189 -13.18 -5.02 4.16
C LYS A 189 -11.79 -4.38 4.19
N THR A 190 -10.93 -4.92 5.04
CA THR A 190 -9.65 -4.26 5.31
C THR A 190 -8.51 -5.27 5.51
N HIS A 191 -7.35 -5.00 4.93
CA HIS A 191 -6.16 -5.72 5.35
C HIS A 191 -5.02 -4.75 5.56
N ILE A 192 -4.21 -5.03 6.56
CA ILE A 192 -3.07 -4.18 6.88
C ILE A 192 -1.78 -4.97 6.71
N ASP A 193 -0.87 -4.41 5.93
CA ASP A 193 0.40 -5.04 5.60
C ASP A 193 1.50 -4.44 6.45
N VAL A 194 2.38 -5.31 6.98
CA VAL A 194 3.48 -4.87 7.80
C VAL A 194 4.80 -5.35 7.22
N PRO A 195 5.39 -4.53 6.33
CA PRO A 195 6.75 -4.80 5.85
C PRO A 195 7.74 -4.40 6.92
N MSE A 196 8.90 -5.05 6.92
CA MSE A 196 9.89 -4.73 7.93
C MSE A 196 11.14 -4.21 7.25
O MSE A 196 11.60 -4.75 6.25
CB MSE A 196 10.20 -5.97 8.79
CG MSE A 196 11.09 -5.64 9.97
SE MSE A 196 12.97 -6.15 9.64
CE MSE A 196 12.76 -8.09 9.52
N TYR A 197 11.69 -3.12 7.80
CA TYR A 197 12.90 -2.52 7.28
C TYR A 197 14.04 -2.47 8.30
N ALA A 198 15.26 -2.64 7.82
CA ALA A 198 16.45 -2.28 8.56
C ALA A 198 16.88 -0.88 8.13
N ILE A 199 17.19 -0.03 9.11
CA ILE A 199 17.67 1.33 8.82
C ILE A 199 18.82 1.69 9.76
N PRO A 200 19.67 2.67 9.39
CA PRO A 200 20.79 3.05 10.26
C PRO A 200 20.35 3.61 11.62
N LYS A 201 21.28 3.64 12.57
CA LYS A 201 20.98 4.14 13.91
C LYS A 201 21.42 5.60 14.07
N ASP A 202 20.54 6.43 14.63
CA ASP A 202 20.87 7.82 14.92
C ASP A 202 19.98 8.38 16.04
N GLY A 218 19.29 9.84 1.77
CA GLY A 218 19.74 8.87 2.75
C GLY A 218 19.01 7.55 2.63
N SER A 219 18.75 7.14 1.39
CA SER A 219 17.98 5.94 1.12
C SER A 219 18.84 4.72 0.85
N GLU A 220 20.14 4.93 0.74
CA GLU A 220 21.06 3.87 0.36
C GLU A 220 21.15 2.77 1.42
N ASN A 221 20.64 3.05 2.62
CA ASN A 221 20.74 2.09 3.71
C ASN A 221 19.40 1.74 4.35
N VAL A 222 18.32 1.98 3.61
CA VAL A 222 17.01 1.51 4.03
C VAL A 222 16.74 0.16 3.36
N ASN A 223 16.75 -0.91 4.13
CA ASN A 223 16.63 -2.24 3.55
C ASN A 223 15.35 -2.95 3.95
N LEU A 224 14.57 -3.29 2.93
CA LEU A 224 13.37 -4.10 3.11
C LEU A 224 13.74 -5.58 3.31
N ALA A 225 13.15 -6.21 4.31
CA ALA A 225 13.34 -7.64 4.55
C ALA A 225 12.46 -8.48 3.62
N LEU A 226 13.05 -9.52 3.04
CA LEU A 226 12.33 -10.43 2.16
C LEU A 226 12.16 -11.80 2.85
N ARG A 227 10.96 -12.36 2.76
CA ARG A 227 10.61 -13.53 3.57
C ARG A 227 11.25 -14.83 3.08
N GLU A 228 11.34 -14.99 1.76
CA GLU A 228 12.06 -16.13 1.19
C GLU A 228 12.69 -15.76 -0.16
N GLY A 229 13.70 -16.53 -0.55
CA GLY A 229 14.43 -16.25 -1.78
C GLY A 229 15.92 -16.30 -1.53
N ASP A 230 16.70 -15.91 -2.54
CA ASP A 230 18.15 -15.90 -2.42
C ASP A 230 18.68 -14.58 -1.88
N ARG A 231 17.77 -13.64 -1.63
CA ARG A 231 18.12 -12.38 -0.99
C ARG A 231 17.24 -12.18 0.23
N LYS A 232 17.86 -11.87 1.36
CA LYS A 232 17.12 -11.58 2.58
C LYS A 232 16.77 -10.10 2.69
N TRP A 233 17.51 -9.26 1.99
CA TRP A 233 17.29 -7.81 2.04
C TRP A 233 17.39 -7.19 0.66
N ILE A 234 16.60 -6.15 0.41
CA ILE A 234 16.74 -5.36 -0.80
C ILE A 234 16.60 -3.88 -0.46
N ASN A 235 17.43 -3.04 -1.09
CA ASN A 235 17.38 -1.61 -0.81
C ASN A 235 16.14 -0.98 -1.42
N SER A 236 15.21 -0.61 -0.56
CA SER A 236 13.93 -0.09 -0.98
C SER A 236 13.41 0.86 0.08
N ASP A 237 13.35 2.15 -0.26
CA ASP A 237 12.97 3.17 0.70
C ASP A 237 11.64 3.78 0.28
N PRO A 238 10.57 3.49 1.03
CA PRO A 238 9.23 3.99 0.66
C PRO A 238 9.14 5.51 0.63
N LYS A 239 10.04 6.21 1.33
CA LYS A 239 10.00 7.68 1.33
C LYS A 239 10.27 8.28 -0.05
N ILE A 240 10.98 7.54 -0.90
CA ILE A 240 11.30 8.06 -2.23
C ILE A 240 10.03 8.30 -3.04
N VAL A 241 9.14 7.32 -3.05
CA VAL A 241 7.89 7.46 -3.80
C VAL A 241 6.92 8.42 -3.09
N GLU A 242 6.90 8.37 -1.76
CA GLU A 242 6.10 9.29 -0.98
C GLU A 242 6.49 10.76 -1.26
N ASP A 243 7.78 11.07 -1.20
CA ASP A 243 8.25 12.44 -1.50
C ASP A 243 7.97 12.82 -2.95
N TRP A 244 8.18 11.90 -3.88
CA TRP A 244 7.91 12.18 -5.28
C TRP A 244 6.44 12.54 -5.46
N PHE A 245 5.56 11.82 -4.78
CA PHE A 245 4.13 12.09 -5.00
C PHE A 245 3.71 13.39 -4.32
N ASN A 246 4.19 13.63 -3.10
CA ASN A 246 3.83 14.89 -2.45
C ASN A 246 4.35 16.07 -3.27
N ASP A 247 5.58 15.96 -3.78
CA ASP A 247 6.13 17.01 -4.63
C ASP A 247 5.31 17.18 -5.91
N SER A 248 4.85 16.07 -6.50
CA SER A 248 4.02 16.17 -7.70
C SER A 248 2.66 16.84 -7.44
N CYS A 249 2.04 16.58 -6.28
CA CYS A 249 0.79 17.25 -5.94
C CYS A 249 1.00 18.76 -5.79
N ILE A 250 2.13 19.15 -5.20
CA ILE A 250 2.42 20.57 -5.07
C ILE A 250 2.67 21.19 -6.44
N ARG A 251 3.44 20.48 -7.27
CA ARG A 251 3.77 20.97 -8.61
C ARG A 251 2.55 21.08 -9.54
N ILE A 252 1.75 20.03 -9.58
CA ILE A 252 0.64 19.94 -10.52
C ILE A 252 -0.62 20.61 -9.99
N GLY A 253 -0.94 20.36 -8.71
CA GLY A 253 -2.06 21.01 -8.06
C GLY A 253 -2.97 20.06 -7.34
N LYS A 254 -3.99 20.62 -6.68
CA LYS A 254 -4.93 19.85 -5.86
C LYS A 254 -5.71 18.80 -6.62
N HIS A 255 -5.82 18.96 -7.93
CA HIS A 255 -6.55 17.97 -8.73
C HIS A 255 -5.78 16.67 -8.96
N LEU A 256 -4.48 16.62 -8.69
CA LEU A 256 -3.74 15.38 -8.92
C LEU A 256 -4.27 14.24 -8.05
N ARG A 257 -4.46 14.50 -6.76
CA ARG A 257 -4.96 13.41 -5.91
C ARG A 257 -6.33 12.95 -6.38
N LYS A 258 -7.15 13.89 -6.85
CA LYS A 258 -8.47 13.57 -7.31
C LYS A 258 -8.42 12.65 -8.54
N VAL A 259 -7.66 13.03 -9.57
CA VAL A 259 -7.64 12.16 -10.75
C VAL A 259 -6.96 10.82 -10.47
N CYS A 260 -6.01 10.79 -9.54
CA CYS A 260 -5.44 9.47 -9.18
C CYS A 260 -6.51 8.60 -8.50
N ARG A 261 -7.30 9.19 -7.60
CA ARG A 261 -8.43 8.44 -7.04
C ARG A 261 -9.35 7.91 -8.14
N PHE A 262 -9.66 8.75 -9.13
CA PHE A 262 -10.61 8.34 -10.15
C PHE A 262 -10.03 7.20 -10.99
N MSE A 263 -8.74 7.28 -11.30
CA MSE A 263 -8.11 6.19 -12.08
C MSE A 263 -8.07 4.89 -11.29
O MSE A 263 -8.25 3.79 -11.85
CB MSE A 263 -6.70 6.57 -12.55
CG MSE A 263 -6.68 7.63 -13.66
SE MSE A 263 -7.83 7.21 -15.23
CE MSE A 263 -7.29 5.32 -15.49
N LYS A 264 -7.84 4.98 -9.97
CA LYS A 264 -7.88 3.79 -9.11
C LYS A 264 -9.30 3.25 -9.04
N ALA A 265 -10.30 4.14 -9.00
CA ALA A 265 -11.71 3.72 -8.99
C ALA A 265 -12.07 3.02 -10.31
N TRP A 266 -11.60 3.57 -11.43
CA TRP A 266 -11.76 2.92 -12.72
C TRP A 266 -11.22 1.50 -12.65
N ARG A 267 -10.00 1.38 -12.12
CA ARG A 267 -9.35 0.06 -12.06
C ARG A 267 -10.19 -0.93 -11.21
N ASP A 268 -10.66 -0.46 -10.04
CA ASP A 268 -11.48 -1.32 -9.18
C ASP A 268 -12.78 -1.75 -9.88
N ALA A 269 -13.29 -0.90 -10.78
CA ALA A 269 -14.55 -1.21 -11.45
C ALA A 269 -14.33 -2.16 -12.63
N GLN A 270 -13.19 -2.04 -13.30
CA GLN A 270 -12.94 -2.90 -14.47
C GLN A 270 -12.47 -4.28 -14.10
N TRP A 271 -11.78 -4.40 -12.96
CA TRP A 271 -11.29 -5.71 -12.50
C TRP A 271 -11.70 -6.01 -11.06
N ASP A 272 -12.31 -7.17 -10.84
CA ASP A 272 -12.68 -7.63 -9.50
C ASP A 272 -11.36 -7.89 -8.78
N VAL A 273 -10.55 -8.74 -9.40
CA VAL A 273 -9.19 -8.98 -8.98
C VAL A 273 -8.28 -8.69 -10.16
N GLY A 274 -7.18 -7.97 -9.91
CA GLY A 274 -6.23 -7.68 -10.97
C GLY A 274 -6.27 -6.25 -11.46
N GLY A 275 -5.76 -6.04 -12.68
CA GLY A 275 -5.60 -4.70 -13.23
C GLY A 275 -4.23 -4.13 -12.90
N PRO A 276 -3.90 -2.97 -13.48
CA PRO A 276 -2.60 -2.34 -13.22
C PRO A 276 -2.48 -1.89 -11.78
N SER A 277 -1.26 -1.82 -11.25
CA SER A 277 -1.11 -1.31 -9.88
C SER A 277 -1.55 0.12 -9.74
N SER A 278 -1.90 0.49 -8.51
CA SER A 278 -2.22 1.91 -8.25
C SER A 278 -1.03 2.82 -8.57
N ILE A 279 0.17 2.40 -8.20
CA ILE A 279 1.36 3.24 -8.41
C ILE A 279 1.68 3.40 -9.92
N SER A 280 1.43 2.37 -10.72
CA SER A 280 1.64 2.53 -12.17
C SER A 280 0.70 3.60 -12.73
N LEU A 281 -0.56 3.61 -12.24
CA LEU A 281 -1.53 4.58 -12.72
C LEU A 281 -1.12 5.99 -12.27
N MSE A 282 -0.64 6.10 -11.03
CA MSE A 282 -0.22 7.38 -10.49
C MSE A 282 1.00 7.93 -11.25
O MSE A 282 1.01 9.12 -11.65
CB MSE A 282 0.09 7.23 -9.00
CG MSE A 282 -1.17 6.99 -8.22
SE MSE A 282 -0.68 6.33 -6.44
CE MSE A 282 0.81 7.61 -6.05
N ALA A 283 1.98 7.06 -11.49
CA ALA A 283 3.19 7.47 -12.22
C ALA A 283 2.83 7.96 -13.63
N ALA A 284 2.01 7.20 -14.35
CA ALA A 284 1.63 7.58 -15.72
C ALA A 284 0.87 8.90 -15.72
N THR A 285 -0.06 9.01 -14.80
CA THR A 285 -0.91 10.22 -14.69
C THR A 285 -0.08 11.45 -14.40
N VAL A 286 0.89 11.34 -13.50
CA VAL A 286 1.79 12.46 -13.24
C VAL A 286 2.57 12.83 -14.50
N ASN A 287 3.04 11.83 -15.23
CA ASN A 287 3.80 12.15 -16.44
C ASN A 287 2.94 12.90 -17.42
N ILE A 288 1.69 12.47 -17.56
CA ILE A 288 0.79 13.11 -18.53
C ILE A 288 0.50 14.55 -18.11
N LEU A 289 0.15 14.74 -16.84
CA LEU A 289 -0.23 16.10 -16.41
C LEU A 289 0.97 17.03 -16.37
N ASP A 290 2.17 16.49 -16.19
CA ASP A 290 3.35 17.33 -16.29
C ASP A 290 3.61 17.80 -17.73
N SER A 291 3.12 17.06 -18.70
CA SER A 291 3.56 17.30 -20.09
C SER A 291 2.45 17.74 -21.05
N VAL A 292 1.20 17.63 -20.63
CA VAL A 292 0.05 17.96 -21.47
C VAL A 292 -0.82 19.01 -20.82
N ALA A 293 -1.11 20.09 -21.56
CA ALA A 293 -1.99 21.14 -21.06
C ALA A 293 -3.37 20.62 -20.67
N HIS A 294 -3.88 21.07 -19.54
CA HIS A 294 -5.19 20.62 -19.08
C HIS A 294 -5.78 21.71 -18.18
N ASP A 295 -6.96 21.43 -17.63
CA ASP A 295 -7.73 22.47 -17.00
C ASP A 295 -8.48 21.95 -15.78
N ALA A 296 -8.02 22.32 -14.60
CA ALA A 296 -8.60 21.76 -13.37
C ALA A 296 -10.01 22.32 -13.14
N SER A 297 -10.38 23.33 -13.89
CA SER A 297 -11.74 23.82 -13.84
C SER A 297 -12.74 22.87 -14.49
N ASP A 298 -12.24 21.87 -15.22
CA ASP A 298 -13.13 20.88 -15.82
C ASP A 298 -12.42 19.55 -15.73
N LEU A 299 -12.68 18.85 -14.64
CA LEU A 299 -12.00 17.58 -14.46
C LEU A 299 -12.57 16.52 -15.40
N GLY A 300 -13.74 16.79 -16.00
CA GLY A 300 -14.21 15.87 -17.03
C GLY A 300 -13.28 15.91 -18.24
N GLU A 301 -12.93 17.12 -18.65
CA GLU A 301 -12.00 17.30 -19.76
C GLU A 301 -10.61 16.78 -19.38
N THR A 302 -10.21 17.03 -18.13
CA THR A 302 -8.88 16.58 -17.70
C THR A 302 -8.82 15.04 -17.73
N MSE A 303 -9.89 14.37 -17.32
CA MSE A 303 -9.88 12.90 -17.31
C MSE A 303 -9.89 12.39 -18.73
O MSE A 303 -9.24 11.37 -19.03
CB MSE A 303 -11.08 12.34 -16.53
CG MSE A 303 -10.90 12.49 -15.04
SE MSE A 303 -9.51 11.27 -14.34
CE MSE A 303 -10.49 9.55 -14.68
N LYS A 304 -10.57 13.10 -19.63
CA LYS A 304 -10.51 12.70 -21.05
C LYS A 304 -9.07 12.81 -21.57
N ILE A 305 -8.39 13.88 -21.21
CA ILE A 305 -6.99 14.06 -21.62
C ILE A 305 -6.10 12.95 -21.05
N ILE A 306 -6.26 12.65 -19.78
CA ILE A 306 -5.47 11.56 -19.17
C ILE A 306 -5.77 10.26 -19.90
N ALA A 307 -7.05 9.98 -20.09
CA ALA A 307 -7.45 8.72 -20.74
C ALA A 307 -6.90 8.58 -22.14
N LYS A 308 -6.85 9.68 -22.89
CA LYS A 308 -6.30 9.61 -24.23
C LYS A 308 -4.81 9.23 -24.25
N HIS A 309 -4.09 9.63 -23.21
CA HIS A 309 -2.62 9.46 -23.20
C HIS A 309 -2.13 8.21 -22.43
N LEU A 310 -2.96 7.63 -21.55
CA LEU A 310 -2.51 6.46 -20.78
C LEU A 310 -2.06 5.25 -21.63
N PRO A 311 -2.78 4.94 -22.73
CA PRO A 311 -2.33 3.75 -23.49
C PRO A 311 -0.87 3.87 -23.95
N SER A 312 -0.47 5.03 -24.45
CA SER A 312 0.91 5.16 -24.89
C SER A 312 1.88 5.14 -23.70
N GLU A 313 1.50 5.69 -22.54
CA GLU A 313 2.35 5.57 -21.35
C GLU A 313 2.57 4.12 -20.97
N PHE A 314 1.51 3.33 -21.02
CA PHE A 314 1.61 1.94 -20.55
C PHE A 314 2.29 1.05 -21.58
N ALA A 315 2.07 1.34 -22.86
CA ALA A 315 2.62 0.45 -23.90
C ALA A 315 4.16 0.49 -23.90
N ARG A 316 4.74 1.61 -23.50
CA ARG A 316 6.21 1.70 -23.54
C ARG A 316 6.83 1.22 -22.22
N GLY A 317 5.98 0.88 -21.25
CA GLY A 317 6.49 0.52 -19.93
C GLY A 317 6.41 1.73 -19.03
N VAL A 318 5.87 1.56 -17.82
CA VAL A 318 5.77 2.67 -16.87
C VAL A 318 6.95 2.58 -15.89
N GLU A 319 7.84 3.55 -15.95
CA GLU A 319 9.03 3.57 -15.09
C GLU A 319 8.65 3.99 -13.66
N SER A 320 9.33 3.42 -12.68
CA SER A 320 9.16 3.88 -11.31
C SER A 320 9.77 5.27 -11.15
N PRO A 321 9.11 6.13 -10.36
CA PRO A 321 9.64 7.42 -9.94
C PRO A 321 10.93 7.23 -9.16
N ASP A 322 11.11 6.06 -8.56
CA ASP A 322 12.36 5.74 -7.87
C ASP A 322 13.35 5.13 -8.88
N SER A 323 14.32 5.94 -9.31
CA SER A 323 15.26 5.55 -10.36
C SER A 323 16.15 4.36 -9.96
N THR A 324 16.27 4.11 -8.66
CA THR A 324 17.10 3.00 -8.19
C THR A 324 16.37 1.68 -8.42
N ASP A 325 15.09 1.78 -8.76
CA ASP A 325 14.27 0.63 -9.05
C ASP A 325 14.15 0.46 -10.56
N GLU A 326 14.78 -0.59 -11.08
CA GLU A 326 14.84 -0.79 -12.51
C GLU A 326 13.70 -1.66 -13.07
N LYS A 327 13.01 -2.39 -12.20
CA LYS A 327 11.82 -3.13 -12.65
C LYS A 327 10.72 -2.11 -12.94
N PRO A 328 10.20 -2.10 -14.17
CA PRO A 328 9.10 -1.16 -14.43
C PRO A 328 7.87 -1.43 -13.59
N LEU A 329 7.04 -0.40 -13.40
CA LEU A 329 5.79 -0.56 -12.66
C LEU A 329 4.79 -1.31 -13.50
N PHE A 330 4.98 -1.26 -14.81
CA PHE A 330 4.13 -1.96 -15.76
C PHE A 330 5.01 -2.24 -16.99
N PRO A 331 4.97 -3.47 -17.51
CA PRO A 331 5.99 -3.82 -18.50
C PRO A 331 5.73 -3.24 -19.90
N PRO A 332 6.81 -3.02 -20.68
CA PRO A 332 6.66 -2.55 -22.06
C PRO A 332 6.01 -3.65 -22.89
N SER A 333 5.44 -3.27 -24.03
CA SER A 333 4.51 -4.15 -24.74
C SER A 333 5.16 -5.44 -25.29
N TYR A 334 6.49 -5.47 -25.48
CA TYR A 334 7.09 -6.72 -25.98
C TYR A 334 7.16 -7.78 -24.86
N LYS A 335 6.87 -7.36 -23.62
CA LYS A 335 6.80 -8.33 -22.50
C LYS A 335 5.38 -8.65 -22.07
N HIS A 336 4.39 -8.32 -22.88
CA HIS A 336 2.98 -8.53 -22.50
C HIS A 336 2.48 -9.95 -22.71
N GLY A 337 1.85 -10.49 -21.68
CA GLY A 337 1.08 -11.73 -21.77
C GLY A 337 -0.39 -11.31 -21.68
N PRO A 338 -1.28 -12.28 -21.52
CA PRO A 338 -2.73 -12.04 -21.59
C PRO A 338 -3.20 -10.97 -20.62
N ARG A 339 -2.62 -10.90 -19.43
CA ARG A 339 -3.09 -9.92 -18.46
C ARG A 339 -2.72 -8.49 -18.87
N GLU A 340 -1.50 -8.31 -19.37
CA GLU A 340 -1.09 -6.97 -19.78
C GLU A 340 -1.88 -6.59 -21.04
N MSE A 341 -2.14 -7.54 -21.95
CA MSE A 341 -2.97 -7.27 -23.12
C MSE A 341 -4.40 -6.86 -22.71
O MSE A 341 -5.00 -5.96 -23.33
CB MSE A 341 -3.00 -8.49 -24.07
CG MSE A 341 -1.69 -8.61 -24.75
SE MSE A 341 -1.75 -10.12 -25.99
CE MSE A 341 -0.97 -11.44 -24.84
N ASP A 342 -4.93 -7.50 -21.66
CA ASP A 342 -6.24 -7.15 -21.15
C ASP A 342 -6.23 -5.73 -20.59
N ILE A 343 -5.15 -5.37 -19.91
CA ILE A 343 -5.07 -4.01 -19.35
C ILE A 343 -4.99 -3.00 -20.49
N MSE A 344 -4.22 -3.34 -21.54
CA MSE A 344 -4.11 -2.40 -22.67
C MSE A 344 -5.49 -2.19 -23.31
O MSE A 344 -5.88 -1.06 -23.68
CB MSE A 344 -3.12 -2.90 -23.72
CG MSE A 344 -1.64 -2.95 -23.26
SE MSE A 344 -1.03 -1.16 -22.63
CE MSE A 344 -1.51 -0.13 -24.23
N SER A 345 -6.22 -3.30 -23.47
CA SER A 345 -7.56 -3.23 -24.06
C SER A 345 -8.49 -2.33 -23.27
N LYS A 346 -8.53 -2.50 -21.95
CA LYS A 346 -9.37 -1.62 -21.13
C LYS A 346 -8.88 -0.18 -21.11
N LEU A 347 -7.56 0.05 -21.10
CA LEU A 347 -7.05 1.43 -21.25
C LEU A 347 -7.49 2.08 -22.57
N GLU A 348 -7.45 1.31 -23.65
CA GLU A 348 -7.83 1.85 -24.97
C GLU A 348 -9.31 2.21 -25.02
N ARG A 349 -10.13 1.46 -24.30
CA ARG A 349 -11.57 1.67 -24.32
C ARG A 349 -11.94 2.89 -23.49
N LEU A 350 -11.12 3.22 -22.47
CA LEU A 350 -11.53 4.24 -21.50
C LEU A 350 -11.79 5.63 -22.17
N PRO A 351 -10.88 6.14 -23.01
CA PRO A 351 -11.23 7.45 -23.59
C PRO A 351 -12.45 7.40 -24.53
N GLU A 352 -12.73 6.22 -25.10
CA GLU A 352 -13.94 6.07 -25.90
C GLU A 352 -15.20 6.12 -25.06
N ILE A 353 -15.14 5.50 -23.88
CA ILE A 353 -16.27 5.56 -22.95
C ILE A 353 -16.52 6.99 -22.57
N LEU A 354 -15.45 7.70 -22.24
CA LEU A 354 -15.63 9.07 -21.79
C LEU A 354 -16.18 9.99 -22.91
N SER A 355 -15.70 9.78 -24.13
CA SER A 355 -16.19 10.54 -25.27
C SER A 355 -17.68 10.25 -25.53
N SER A 356 -18.04 8.97 -25.44
CA SER A 356 -19.41 8.59 -25.70
C SER A 356 -20.35 9.20 -24.68
N ALA A 357 -19.89 9.26 -23.43
CA ALA A 357 -20.68 9.82 -22.35
C ALA A 357 -20.92 11.31 -22.62
N GLU A 358 -19.90 11.99 -23.13
CA GLU A 358 -20.01 13.43 -23.39
C GLU A 358 -21.08 13.76 -24.44
N SER A 359 -21.27 12.88 -25.42
CA SER A 359 -22.17 13.17 -26.51
C SER A 359 -23.43 12.31 -26.45
N ALA A 360 -23.73 11.76 -25.27
CA ALA A 360 -24.97 10.99 -25.09
C ALA A 360 -26.24 11.78 -25.37
N ASP A 361 -27.31 11.05 -25.68
CA ASP A 361 -28.59 11.64 -26.11
C ASP A 361 -29.36 12.31 -25.00
N SER A 362 -29.00 11.99 -23.76
CA SER A 362 -29.72 12.42 -22.56
C SER A 362 -28.82 12.37 -21.33
N LYS A 363 -29.23 13.08 -20.28
CA LYS A 363 -28.52 13.01 -19.02
C LYS A 363 -28.44 11.59 -18.47
N SER A 364 -29.55 10.87 -18.55
CA SER A 364 -29.58 9.53 -17.99
C SER A 364 -28.62 8.63 -18.74
N GLU A 365 -28.58 8.76 -20.06
CA GLU A 365 -27.63 7.94 -20.86
C GLU A 365 -26.18 8.38 -20.64
N ALA A 366 -25.96 9.69 -20.45
CA ALA A 366 -24.62 10.17 -20.08
C ALA A 366 -24.12 9.49 -18.80
N LEU A 367 -25.00 9.40 -17.81
CA LEU A 367 -24.62 8.79 -16.53
C LEU A 367 -24.35 7.31 -16.73
N LYS A 368 -25.26 6.64 -17.43
CA LYS A 368 -25.11 5.21 -17.70
C LYS A 368 -23.78 4.93 -18.37
N LYS A 369 -23.41 5.77 -19.34
CA LYS A 369 -22.18 5.52 -20.09
C LYS A 369 -20.95 5.78 -19.23
N ILE A 370 -20.91 6.90 -18.53
CA ILE A 370 -19.69 7.16 -17.77
C ILE A 370 -19.57 6.16 -16.59
N ASN A 371 -20.70 5.63 -16.14
CA ASN A 371 -20.64 4.62 -15.10
C ASN A 371 -20.13 3.27 -15.63
N MSE A 372 -19.99 3.15 -16.94
CA MSE A 372 -19.35 1.93 -17.45
C MSE A 372 -17.82 2.01 -17.27
O MSE A 372 -17.14 0.97 -17.34
CB MSE A 372 -19.73 1.69 -18.92
CG MSE A 372 -21.20 1.38 -19.04
SE MSE A 372 -21.67 1.09 -20.94
CE MSE A 372 -20.48 -0.41 -21.30
N ALA A 373 -17.30 3.22 -17.01
CA ALA A 373 -15.91 3.42 -16.63
C ALA A 373 -15.71 3.25 -15.10
N PHE A 374 -16.53 3.91 -14.29
CA PHE A 374 -16.25 3.98 -12.84
C PHE A 374 -17.17 3.10 -11.97
N GLY A 375 -18.08 2.40 -12.61
CA GLY A 375 -19.07 1.61 -11.91
C GLY A 375 -20.29 2.41 -11.53
N ASN A 376 -21.36 1.72 -11.12
CA ASN A 376 -22.58 2.41 -10.74
C ASN A 376 -22.51 2.88 -9.29
N ARG A 377 -21.72 3.93 -9.06
CA ARG A 377 -21.53 4.44 -7.71
C ARG A 377 -22.27 5.74 -7.59
N VAL A 378 -21.97 6.64 -8.52
CA VAL A 378 -22.73 7.89 -8.63
C VAL A 378 -24.07 7.59 -9.28
N THR A 379 -25.16 8.01 -8.64
CA THR A 379 -26.50 7.79 -9.15
C THR A 379 -27.23 9.09 -9.50
N ASN A 380 -26.65 10.20 -9.09
CA ASN A 380 -27.34 11.49 -9.23
C ASN A 380 -27.00 12.15 -10.58
N SER A 381 -27.91 12.02 -11.55
CA SER A 381 -27.63 12.52 -12.91
C SER A 381 -27.72 14.04 -12.98
N GLU A 382 -28.24 14.66 -11.92
CA GLU A 382 -28.30 16.14 -11.79
C GLU A 382 -26.91 16.71 -11.68
N LEU A 383 -25.93 15.85 -11.42
CA LEU A 383 -24.56 16.34 -11.34
C LEU A 383 -23.99 16.61 -12.71
N ILE A 384 -24.65 16.08 -13.74
CA ILE A 384 -24.18 16.23 -15.09
C ILE A 384 -24.94 17.41 -15.69
N VAL A 385 -24.23 18.34 -16.36
CA VAL A 385 -24.91 19.54 -16.83
C VAL A 385 -24.65 19.80 -18.30
N LEU A 386 -25.66 20.29 -19.01
CA LEU A 386 -25.50 20.64 -20.40
C LEU A 386 -24.51 21.79 -20.54
N ALA A 387 -23.54 21.64 -21.43
CA ALA A 387 -22.49 22.64 -21.59
C ALA A 387 -22.17 22.87 -23.07
N LYS A 388 -21.30 23.82 -23.33
CA LYS A 388 -20.77 24.04 -24.68
C LYS A 388 -19.30 23.69 -24.64
N ALA A 389 -18.80 23.09 -25.70
CA ALA A 389 -17.36 22.84 -25.79
C ALA A 389 -16.90 22.90 -27.23
C1 EDO B . -24.49 16.50 -25.82
O1 EDO B . -24.84 15.34 -26.57
C2 EDO B . -25.78 17.10 -25.28
O2 EDO B . -26.66 17.30 -26.41
C1 EDO C . -9.81 -1.20 -2.98
O1 EDO C . -8.97 -0.74 -4.05
C2 EDO C . -10.30 -0.02 -2.15
O2 EDO C . -9.23 0.74 -1.61
C1 EDO D . 1.60 -5.63 -14.42
O1 EDO D . 2.35 -6.68 -15.05
C2 EDO D . 0.16 -6.09 -14.28
O2 EDO D . -0.15 -6.97 -15.37
C1 EDO E . -1.74 1.34 -27.90
O1 EDO E . -3.16 1.34 -27.78
C2 EDO E . -1.23 2.69 -27.42
O2 EDO E . 0.14 2.85 -27.79
#